data_2ET7
#
_entry.id   2ET7
#
_cell.length_a   94.823
_cell.length_b   94.823
_cell.length_c   106.238
_cell.angle_alpha   90.00
_cell.angle_beta   90.00
_cell.angle_gamma   120.00
#
_symmetry.space_group_name_H-M   'H 3 2'
#
loop_
_entity.id
_entity.type
_entity.pdbx_description
1 polymer 'Oxalate oxidase 1'
2 non-polymer 'MANGANESE (II) ION'
3 water water
#
_entity_poly.entity_id   1
_entity_poly.type   'polypeptide(L)'
_entity_poly.pdbx_seq_one_letter_code
;SDPDPLQDFCVADLDGKAVSVNGHTCKPMSEAGDDFLFSSKLTKAGNTSTPNGSAVTELDVAEWPGTNTLGVSMARVDFA
PGGTNPPHIHPRATEIGMVMKGELLVGILGSLDSGNKLYSRVVRAGETFVIPRGLMHFQFNVGKTEAYMVVSFNSQNPGI
VFVPLTLFGSDPPIPTPVLTKALRVEAGVVELLKSKFAGGS
;
_entity_poly.pdbx_strand_id   A
#
loop_
_chem_comp.id
_chem_comp.type
_chem_comp.name
_chem_comp.formula
MN non-polymer 'MANGANESE (II) ION' 'Mn 2'
#
# COMPACT_ATOMS: atom_id res chain seq x y z
N SER A 1 -10.22 0.30 -14.39
CA SER A 1 -10.05 1.09 -13.13
C SER A 1 -11.40 1.29 -12.44
N ASP A 2 -11.39 1.96 -11.30
CA ASP A 2 -12.63 2.19 -10.54
C ASP A 2 -13.73 2.71 -11.45
N PRO A 3 -14.98 2.28 -11.21
CA PRO A 3 -16.13 2.85 -11.95
C PRO A 3 -16.18 4.38 -11.86
N ASP A 4 -16.47 5.06 -12.96
CA ASP A 4 -16.60 6.51 -12.93
C ASP A 4 -17.77 6.97 -12.02
N PRO A 5 -17.69 8.21 -11.48
CA PRO A 5 -18.78 8.74 -10.66
C PRO A 5 -19.98 9.10 -11.52
N LEU A 6 -21.18 9.00 -10.95
CA LEU A 6 -22.43 9.28 -11.67
C LEU A 6 -23.11 10.55 -11.13
N GLN A 7 -22.39 11.30 -10.29
CA GLN A 7 -22.82 12.58 -9.72
C GLN A 7 -21.57 13.31 -9.18
N ASP A 8 -21.73 14.53 -8.70
CA ASP A 8 -20.59 15.30 -8.23
C ASP A 8 -19.90 14.62 -7.03
N PHE A 9 -20.70 14.29 -6.01
CA PHE A 9 -20.12 13.80 -4.74
C PHE A 9 -20.95 12.66 -4.23
N CYS A 10 -20.32 11.79 -3.43
CA CYS A 10 -21.03 10.64 -2.88
C CYS A 10 -20.21 10.16 -1.68
N VAL A 11 -20.29 10.90 -0.58
CA VAL A 11 -19.45 10.63 0.57
C VAL A 11 -19.76 9.25 1.17
N ALA A 12 -18.74 8.43 1.37
CA ALA A 12 -18.97 7.05 1.83
C ALA A 12 -19.68 7.00 3.17
N ASP A 13 -20.72 6.16 3.24
CA ASP A 13 -21.35 5.79 4.50
C ASP A 13 -20.59 4.59 5.06
N LEU A 14 -19.77 4.82 6.07
CA LEU A 14 -18.92 3.76 6.62
C LEU A 14 -19.51 3.07 7.86
N ASP A 15 -20.78 3.35 8.18
CA ASP A 15 -21.46 2.67 9.30
C ASP A 15 -21.42 1.15 9.13
N GLY A 16 -21.13 0.46 10.23
CA GLY A 16 -20.92 -0.99 10.21
C GLY A 16 -22.11 -1.82 9.76
N LYS A 17 -23.30 -1.24 9.81
CA LYS A 17 -24.53 -1.93 9.45
C LYS A 17 -25.13 -1.42 8.12
N ALA A 18 -24.42 -0.47 7.49
CA ALA A 18 -24.78 0.00 6.15
C ALA A 18 -24.94 -1.20 5.19
N VAL A 19 -25.90 -1.12 4.27
CA VAL A 19 -26.02 -2.11 3.19
C VAL A 19 -24.67 -2.13 2.47
N SER A 20 -24.25 -3.30 2.00
CA SER A 20 -22.95 -3.42 1.35
C SER A 20 -23.12 -3.42 -0.18
N VAL A 21 -22.27 -2.68 -0.89
CA VAL A 21 -22.25 -2.69 -2.35
C VAL A 21 -20.79 -2.71 -2.82
N ASN A 22 -20.59 -2.87 -4.13
CA ASN A 22 -19.26 -2.61 -4.69
C ASN A 22 -18.85 -1.18 -4.27
N GLY A 23 -17.74 -1.07 -3.55
CA GLY A 23 -17.31 0.20 -2.97
C GLY A 23 -18.08 0.47 -1.68
N HIS A 24 -18.81 1.58 -1.65
CA HIS A 24 -19.57 1.99 -0.48
C HIS A 24 -20.82 2.75 -0.90
N THR A 25 -21.90 2.52 -0.15
CA THR A 25 -23.05 3.40 -0.24
C THR A 25 -22.63 4.77 0.24
N CYS A 26 -23.48 5.76 -0.04
CA CYS A 26 -23.18 7.15 0.30
C CYS A 26 -24.14 7.69 1.33
N LYS A 27 -23.64 8.60 2.16
CA LYS A 27 -24.49 9.35 3.07
C LYS A 27 -25.38 10.25 2.21
N PRO A 28 -26.58 10.58 2.71
CA PRO A 28 -27.41 11.59 2.03
C PRO A 28 -26.59 12.87 1.77
N MET A 29 -26.62 13.29 0.51
CA MET A 29 -25.86 14.43 0.03
C MET A 29 -26.19 15.67 0.83
N SER A 30 -27.48 15.80 1.17
CA SER A 30 -27.97 16.96 1.90
C SER A 30 -27.23 17.14 3.23
N GLU A 31 -26.66 16.05 3.76
CA GLU A 31 -26.10 16.00 5.12
C GLU A 31 -24.56 15.95 5.23
N ALA A 32 -23.86 16.15 4.11
CA ALA A 32 -22.41 15.96 4.07
C ALA A 32 -21.60 17.07 4.71
N GLY A 33 -22.20 18.24 4.92
CA GLY A 33 -21.44 19.40 5.42
C GLY A 33 -20.54 19.94 4.33
N ASP A 34 -19.53 20.73 4.76
CA ASP A 34 -18.62 21.50 3.89
C ASP A 34 -17.27 20.92 3.69
N ASP A 35 -16.88 19.95 4.52
CA ASP A 35 -15.46 19.62 4.71
C ASP A 35 -15.03 18.26 4.20
N PHE A 36 -15.94 17.57 3.50
CA PHE A 36 -15.67 16.19 3.08
C PHE A 36 -14.59 16.06 2.02
N LEU A 37 -14.35 17.12 1.25
CA LEU A 37 -13.31 17.11 0.21
C LEU A 37 -11.89 17.37 0.74
N PHE A 38 -11.74 17.50 2.06
CA PHE A 38 -10.46 17.84 2.71
C PHE A 38 -10.06 16.85 3.79
N SER A 39 -8.75 16.69 4.00
CA SER A 39 -8.26 15.88 5.11
C SER A 39 -6.95 16.44 5.65
N SER A 40 -6.69 16.12 6.92
CA SER A 40 -5.42 16.47 7.54
C SER A 40 -4.71 15.23 8.10
N LYS A 41 -5.17 14.05 7.68
CA LYS A 41 -4.65 12.79 8.24
C LYS A 41 -3.19 12.49 7.91
N LEU A 42 -2.63 13.14 6.89
CA LEU A 42 -1.23 12.90 6.51
C LEU A 42 -0.23 13.95 7.02
N THR A 43 -0.68 14.81 7.94
CA THR A 43 0.19 15.88 8.45
C THR A 43 1.33 15.37 9.32
N LYS A 44 1.16 14.21 9.93
CA LYS A 44 2.13 13.70 10.89
C LYS A 44 2.75 12.40 10.42
N ALA A 45 4.03 12.22 10.75
CA ALA A 45 4.78 11.00 10.45
C ALA A 45 4.23 9.79 11.18
N GLY A 46 4.24 8.65 10.51
CA GLY A 46 3.89 7.38 11.11
C GLY A 46 5.00 6.85 12.00
N ASN A 47 4.66 5.88 12.84
CA ASN A 47 5.60 5.27 13.77
C ASN A 47 6.44 4.19 13.10
N THR A 48 7.72 4.48 12.91
CA THR A 48 8.61 3.58 12.17
C THR A 48 9.23 2.47 13.02
N SER A 49 8.84 2.42 14.30
CA SER A 49 9.36 1.37 15.17
C SER A 49 8.50 0.11 14.97
N THR A 50 8.79 -0.56 13.85
CA THR A 50 8.09 -1.75 13.37
C THR A 50 9.17 -2.70 12.84
N PRO A 51 8.85 -4.01 12.69
CA PRO A 51 9.81 -4.95 12.11
C PRO A 51 10.35 -4.53 10.73
N ASN A 52 9.47 -3.99 9.88
CA ASN A 52 9.87 -3.48 8.54
C ASN A 52 10.74 -2.24 8.63
N GLY A 53 10.55 -1.43 9.69
CA GLY A 53 11.19 -0.14 9.78
C GLY A 53 10.47 0.92 8.94
N SER A 54 9.24 0.62 8.52
CA SER A 54 8.44 1.61 7.84
C SER A 54 7.01 1.64 8.41
N ALA A 55 6.28 2.69 8.08
CA ALA A 55 4.91 2.82 8.54
C ALA A 55 4.10 3.48 7.44
N VAL A 56 3.00 2.83 7.06
CA VAL A 56 2.10 3.39 6.06
C VAL A 56 0.96 4.10 6.76
N THR A 57 0.73 5.34 6.39
CA THR A 57 -0.45 6.06 6.86
C THR A 57 -1.41 6.16 5.69
N GLU A 58 -2.54 5.48 5.83
CA GLU A 58 -3.49 5.35 4.73
C GLU A 58 -4.38 6.55 4.57
N LEU A 59 -4.65 6.91 3.33
CA LEU A 59 -5.69 7.89 3.04
C LEU A 59 -6.54 7.38 1.88
N ASP A 60 -7.06 6.17 2.06
CA ASP A 60 -8.00 5.59 1.12
C ASP A 60 -9.42 5.91 1.59
N VAL A 61 -10.41 5.35 0.92
CA VAL A 61 -11.79 5.73 1.21
C VAL A 61 -12.20 5.43 2.66
N ALA A 62 -11.62 4.38 3.24
CA ALA A 62 -11.89 4.06 4.65
C ALA A 62 -11.48 5.19 5.60
N GLU A 63 -10.45 5.94 5.21
CA GLU A 63 -9.91 7.03 6.05
C GLU A 63 -10.36 8.39 5.55
N TRP A 64 -10.84 8.44 4.30
CA TRP A 64 -11.23 9.71 3.68
C TRP A 64 -12.51 9.47 2.89
N PRO A 65 -13.66 9.43 3.58
CA PRO A 65 -14.92 9.03 2.92
C PRO A 65 -15.30 9.90 1.72
N GLY A 66 -14.84 11.15 1.70
CA GLY A 66 -15.10 12.05 0.59
C GLY A 66 -14.50 11.65 -0.75
N THR A 67 -13.55 10.71 -0.74
CA THR A 67 -12.99 10.17 -2.00
C THR A 67 -13.90 9.13 -2.68
N ASN A 68 -14.93 8.68 -1.97
CA ASN A 68 -15.79 7.62 -2.50
C ASN A 68 -16.32 7.99 -3.90
N THR A 69 -16.20 7.03 -4.84
CA THR A 69 -16.60 7.12 -6.26
C THR A 69 -15.69 7.97 -7.16
N LEU A 70 -14.73 8.67 -6.56
CA LEU A 70 -13.90 9.61 -7.32
C LEU A 70 -12.62 9.01 -7.96
N GLY A 71 -12.32 7.75 -7.67
CA GLY A 71 -11.26 7.06 -8.42
C GLY A 71 -9.83 7.41 -8.03
N VAL A 72 -9.64 7.97 -6.82
CA VAL A 72 -8.32 8.39 -6.31
C VAL A 72 -8.20 8.12 -4.79
N SER A 73 -6.96 8.01 -4.33
CA SER A 73 -6.63 7.94 -2.88
C SER A 73 -5.17 8.31 -2.72
N MET A 74 -4.74 8.42 -1.45
CA MET A 74 -3.36 8.75 -1.14
C MET A 74 -2.82 7.92 0.00
N ALA A 75 -1.50 8.00 0.21
CA ALA A 75 -0.92 7.49 1.44
C ALA A 75 0.40 8.20 1.69
N ARG A 76 0.83 8.16 2.95
CA ARG A 76 2.18 8.59 3.33
C ARG A 76 2.92 7.36 3.85
N VAL A 77 4.19 7.22 3.49
CA VAL A 77 5.01 6.14 4.07
C VAL A 77 6.26 6.77 4.66
N ASP A 78 6.50 6.48 5.94
CA ASP A 78 7.70 6.95 6.65
C ASP A 78 8.65 5.79 6.88
N PHE A 79 9.95 6.07 6.83
CA PHE A 79 10.99 5.04 6.90
C PHE A 79 12.06 5.39 7.92
N ALA A 80 12.30 4.52 8.89
CA ALA A 80 13.55 4.57 9.70
C ALA A 80 14.76 4.37 8.78
N PRO A 81 15.95 4.85 9.20
CA PRO A 81 17.13 4.45 8.44
C PRO A 81 17.23 2.92 8.29
N GLY A 82 17.47 2.48 7.05
CA GLY A 82 17.54 1.04 6.77
C GLY A 82 16.17 0.35 6.74
N GLY A 83 15.10 1.14 6.86
CA GLY A 83 13.74 0.60 6.86
C GLY A 83 13.28 0.28 5.43
N THR A 84 12.36 -0.68 5.32
CA THR A 84 11.83 -1.03 4.01
C THR A 84 10.32 -1.02 4.06
N ASN A 85 9.71 -0.55 2.97
CA ASN A 85 8.34 -0.88 2.61
C ASN A 85 8.50 -2.08 1.69
N PRO A 86 8.25 -3.30 2.22
CA PRO A 86 8.72 -4.53 1.59
C PRO A 86 8.03 -4.82 0.28
N PRO A 87 8.63 -5.70 -0.56
CA PRO A 87 8.00 -6.09 -1.82
C PRO A 87 6.48 -6.31 -1.64
N HIS A 88 5.71 -5.57 -2.43
CA HIS A 88 4.25 -5.66 -2.33
C HIS A 88 3.62 -5.27 -3.65
N ILE A 89 2.31 -5.50 -3.75
CA ILE A 89 1.53 -5.21 -4.95
C ILE A 89 0.25 -4.47 -4.54
N HIS A 90 -0.21 -3.54 -5.39
CA HIS A 90 -1.55 -2.95 -5.23
C HIS A 90 -2.40 -3.59 -6.31
N PRO A 91 -3.35 -4.45 -5.90
CA PRO A 91 -4.12 -5.22 -6.91
C PRO A 91 -5.02 -4.37 -7.80
N ARG A 92 -5.41 -3.18 -7.35
CA ARG A 92 -6.46 -2.43 -8.07
C ARG A 92 -6.06 -1.02 -8.48
N ALA A 93 -4.76 -0.70 -8.53
CA ALA A 93 -4.40 0.70 -8.89
C ALA A 93 -2.97 0.82 -9.29
N THR A 94 -2.74 1.76 -10.21
CA THR A 94 -1.43 2.33 -10.47
C THR A 94 -1.12 3.31 -9.36
N GLU A 95 0.15 3.37 -8.96
CA GLU A 95 0.61 4.29 -7.93
C GLU A 95 1.57 5.33 -8.54
N ILE A 96 1.49 6.56 -8.06
CA ILE A 96 2.42 7.62 -8.51
C ILE A 96 2.84 8.39 -7.26
N GLY A 97 4.13 8.66 -7.11
CA GLY A 97 4.53 9.23 -5.83
C GLY A 97 5.79 10.05 -5.88
N MET A 98 6.07 10.71 -4.77
CA MET A 98 7.21 11.61 -4.70
C MET A 98 7.89 11.40 -3.35
N VAL A 99 9.21 11.35 -3.36
CA VAL A 99 9.98 11.37 -2.12
C VAL A 99 9.97 12.81 -1.59
N MET A 100 9.69 12.96 -0.30
CA MET A 100 9.59 14.30 0.29
C MET A 100 10.81 14.67 1.11
N LYS A 101 11.44 13.65 1.70
CA LYS A 101 12.59 13.83 2.58
C LYS A 101 13.42 12.55 2.52
N GLY A 102 14.75 12.70 2.47
CA GLY A 102 15.64 11.55 2.53
C GLY A 102 15.95 10.90 1.19
N GLU A 103 16.42 9.67 1.24
CA GLU A 103 16.87 8.95 0.05
C GLU A 103 16.33 7.53 0.09
N LEU A 104 15.55 7.17 -0.93
CA LEU A 104 14.91 5.86 -1.00
C LEU A 104 15.34 5.13 -2.25
N LEU A 105 15.81 3.89 -2.07
CA LEU A 105 15.97 2.99 -3.20
C LEU A 105 14.55 2.49 -3.51
N VAL A 106 14.09 2.81 -4.72
CA VAL A 106 12.74 2.42 -5.17
C VAL A 106 12.93 1.41 -6.28
N GLY A 107 12.33 0.22 -6.12
CA GLY A 107 12.45 -0.85 -7.11
C GLY A 107 11.08 -1.26 -7.60
N ILE A 108 10.98 -1.46 -8.91
CA ILE A 108 9.71 -1.81 -9.56
C ILE A 108 10.04 -3.01 -10.47
N LEU A 109 9.19 -4.04 -10.43
CA LEU A 109 9.49 -5.30 -11.10
C LEU A 109 8.49 -5.57 -12.20
N GLY A 110 8.97 -5.82 -13.43
CA GLY A 110 8.12 -6.33 -14.51
C GLY A 110 7.58 -7.74 -14.26
N SER A 111 6.55 -8.10 -15.00
CA SER A 111 5.96 -9.43 -14.92
C SER A 111 6.76 -10.44 -15.77
N LEU A 112 6.25 -11.66 -15.91
CA LEU A 112 7.02 -12.71 -16.58
C LEU A 112 7.39 -12.35 -18.02
N ASP A 113 6.42 -11.83 -18.77
CA ASP A 113 6.66 -11.54 -20.17
C ASP A 113 7.60 -10.35 -20.38
N SER A 114 7.82 -9.59 -19.31
CA SER A 114 8.84 -8.52 -19.27
C SER A 114 10.17 -9.02 -18.70
N GLY A 115 10.31 -10.35 -18.60
CA GLY A 115 11.51 -10.98 -18.06
C GLY A 115 11.75 -10.76 -16.58
N ASN A 116 10.69 -10.41 -15.84
CA ASN A 116 10.83 -10.04 -14.44
C ASN A 116 11.92 -9.00 -14.20
N LYS A 117 12.02 -8.01 -15.10
CA LYS A 117 13.05 -6.99 -14.96
C LYS A 117 12.85 -6.15 -13.71
N LEU A 118 13.96 -5.87 -13.03
CA LEU A 118 13.96 -4.97 -11.89
C LEU A 118 14.52 -3.61 -12.31
N TYR A 119 13.69 -2.59 -12.13
CA TYR A 119 14.08 -1.21 -12.39
C TYR A 119 14.21 -0.53 -11.05
N SER A 120 15.38 -0.01 -10.75
CA SER A 120 15.54 0.65 -9.44
C SER A 120 16.46 1.83 -9.49
N ARG A 121 16.19 2.81 -8.66
CA ARG A 121 17.11 3.93 -8.51
C ARG A 121 16.93 4.62 -7.17
N VAL A 122 17.91 5.42 -6.80
CA VAL A 122 17.81 6.18 -5.57
C VAL A 122 17.03 7.45 -5.85
N VAL A 123 15.90 7.58 -5.16
CA VAL A 123 14.98 8.68 -5.39
C VAL A 123 15.08 9.65 -4.22
N ARG A 124 15.34 10.91 -4.54
CA ARG A 124 15.56 11.95 -3.53
C ARG A 124 14.44 12.99 -3.52
N ALA A 125 14.53 13.96 -2.60
CA ALA A 125 13.44 14.94 -2.41
C ALA A 125 12.99 15.60 -3.71
N GLY A 126 11.68 15.55 -3.96
CA GLY A 126 11.09 16.15 -5.14
C GLY A 126 11.03 15.23 -6.35
N GLU A 127 11.76 14.12 -6.31
CA GLU A 127 11.78 13.16 -7.42
C GLU A 127 10.62 12.18 -7.34
N THR A 128 10.21 11.67 -8.49
CA THR A 128 8.96 10.89 -8.57
C THR A 128 9.15 9.53 -9.22
N PHE A 129 8.17 8.66 -9.00
CA PHE A 129 8.18 7.32 -9.59
C PHE A 129 6.73 6.92 -9.85
N VAL A 130 6.57 5.96 -10.76
CA VAL A 130 5.25 5.44 -11.11
C VAL A 130 5.30 3.92 -11.16
N ILE A 131 4.28 3.27 -10.59
CA ILE A 131 4.25 1.81 -10.45
C ILE A 131 2.94 1.30 -11.05
N PRO A 132 3.02 0.61 -12.18
CA PRO A 132 1.79 0.08 -12.80
C PRO A 132 0.99 -0.85 -11.88
N ARG A 133 -0.33 -0.84 -12.03
CA ARG A 133 -1.21 -1.73 -11.26
C ARG A 133 -0.71 -3.17 -11.27
N GLY A 134 -0.70 -3.79 -10.10
CA GLY A 134 -0.48 -5.22 -9.98
C GLY A 134 0.96 -5.65 -9.97
N LEU A 135 1.89 -4.72 -10.15
CA LEU A 135 3.30 -5.10 -10.22
C LEU A 135 4.00 -5.03 -8.87
N MET A 136 4.90 -5.99 -8.63
CA MET A 136 5.65 -5.99 -7.38
C MET A 136 6.61 -4.80 -7.31
N HIS A 137 6.75 -4.21 -6.12
CA HIS A 137 7.67 -3.09 -5.95
C HIS A 137 8.04 -2.93 -4.47
N PHE A 138 9.07 -2.16 -4.20
CA PHE A 138 9.52 -1.95 -2.81
C PHE A 138 10.22 -0.59 -2.72
N GLN A 139 10.42 -0.13 -1.48
CA GLN A 139 11.30 1.01 -1.21
C GLN A 139 12.18 0.67 -0.02
N PHE A 140 13.39 1.21 -0.01
CA PHE A 140 14.37 0.91 1.06
C PHE A 140 15.12 2.20 1.38
N ASN A 141 15.14 2.57 2.67
CA ASN A 141 15.78 3.82 3.06
C ASN A 141 17.29 3.63 3.10
N VAL A 142 17.98 4.20 2.11
CA VAL A 142 19.44 4.09 2.04
C VAL A 142 20.19 5.21 2.76
N GLY A 143 19.42 6.15 3.32
CA GLY A 143 19.98 7.29 4.03
C GLY A 143 20.22 7.00 5.51
N LYS A 144 20.83 7.93 6.21
CA LYS A 144 21.11 7.71 7.60
C LYS A 144 20.13 8.45 8.49
N THR A 145 19.16 9.14 7.88
CA THR A 145 18.05 9.76 8.62
C THR A 145 16.70 9.28 8.12
N GLU A 146 15.63 9.68 8.81
CA GLU A 146 14.26 9.29 8.44
C GLU A 146 13.90 9.84 7.05
N ALA A 147 13.25 9.02 6.24
CA ALA A 147 12.76 9.45 4.93
C ALA A 147 11.24 9.34 4.90
N TYR A 148 10.58 10.13 4.05
CA TYR A 148 9.18 9.82 3.77
C TYR A 148 8.81 10.15 2.35
N MET A 149 7.74 9.53 1.89
CA MET A 149 7.21 9.81 0.58
C MET A 149 5.70 9.97 0.70
N VAL A 150 5.12 10.64 -0.28
CA VAL A 150 3.68 10.78 -0.37
C VAL A 150 3.28 10.21 -1.72
N VAL A 151 2.28 9.32 -1.71
CA VAL A 151 1.89 8.63 -2.94
C VAL A 151 0.40 8.75 -3.18
N SER A 152 0.02 8.62 -4.45
CA SER A 152 -1.38 8.68 -4.84
C SER A 152 -1.69 7.50 -5.73
N PHE A 153 -2.97 7.15 -5.84
CA PHE A 153 -3.36 5.97 -6.60
C PHE A 153 -4.59 6.32 -7.44
N ASN A 154 -4.78 5.61 -8.56
CA ASN A 154 -6.02 5.80 -9.32
C ASN A 154 -7.12 4.82 -8.90
N SER A 155 -7.20 4.58 -7.59
CA SER A 155 -8.33 3.89 -6.99
C SER A 155 -8.61 4.48 -5.61
N GLN A 156 -9.88 4.41 -5.22
CA GLN A 156 -10.27 4.75 -3.87
C GLN A 156 -9.83 3.69 -2.85
N ASN A 157 -9.46 2.50 -3.34
CA ASN A 157 -9.13 1.36 -2.46
C ASN A 157 -8.15 0.44 -3.19
N PRO A 158 -6.90 0.89 -3.34
CA PRO A 158 -5.95 0.14 -4.17
C PRO A 158 -5.67 -1.25 -3.65
N GLY A 159 -5.73 -1.46 -2.33
CA GLY A 159 -5.37 -2.75 -1.72
C GLY A 159 -3.87 -2.84 -1.54
N ILE A 160 -3.44 -3.66 -0.58
CA ILE A 160 -2.03 -3.95 -0.45
C ILE A 160 -1.85 -5.44 -0.26
N VAL A 161 -1.06 -6.04 -1.15
CA VAL A 161 -0.65 -7.44 -1.01
C VAL A 161 0.83 -7.41 -0.62
N PHE A 162 1.10 -7.51 0.69
CA PHE A 162 2.48 -7.56 1.16
C PHE A 162 3.02 -8.96 0.88
N VAL A 163 4.10 -9.03 0.12
CA VAL A 163 4.56 -10.34 -0.32
C VAL A 163 5.09 -11.26 0.81
N PRO A 164 6.03 -10.76 1.65
CA PRO A 164 6.55 -11.60 2.75
C PRO A 164 5.43 -12.05 3.68
N LEU A 165 4.60 -11.11 4.14
CA LEU A 165 3.55 -11.43 5.10
C LEU A 165 2.53 -12.39 4.51
N THR A 166 2.17 -12.19 3.24
CA THR A 166 1.18 -13.07 2.62
C THR A 166 1.77 -14.45 2.37
N LEU A 167 3.02 -14.49 1.91
CA LEU A 167 3.65 -15.77 1.61
C LEU A 167 3.85 -16.64 2.84
N PHE A 168 4.20 -16.00 3.96
CA PHE A 168 4.63 -16.76 5.16
C PHE A 168 3.70 -16.63 6.36
N GLY A 169 2.84 -15.60 6.36
CA GLY A 169 2.04 -15.24 7.51
C GLY A 169 0.58 -14.94 7.21
N SER A 170 0.03 -15.59 6.16
CA SER A 170 -1.38 -15.43 5.85
C SER A 170 -2.24 -16.10 6.92
N ASP A 171 -3.56 -15.90 6.79
CA ASP A 171 -4.52 -16.35 7.78
C ASP A 171 -5.45 -17.45 7.28
N PRO A 172 -5.09 -18.74 7.51
CA PRO A 172 -3.86 -19.26 8.10
C PRO A 172 -2.73 -19.33 7.06
N PRO A 173 -1.50 -19.65 7.48
CA PRO A 173 -0.40 -19.66 6.51
C PRO A 173 -0.52 -20.72 5.40
N ILE A 174 0.06 -20.42 4.25
CA ILE A 174 0.18 -21.37 3.14
C ILE A 174 0.87 -22.67 3.63
N PRO A 175 0.37 -23.85 3.19
CA PRO A 175 0.97 -25.13 3.64
C PRO A 175 2.47 -25.19 3.37
N THR A 176 3.20 -25.71 4.36
CA THR A 176 4.64 -25.92 4.18
C THR A 176 5.02 -26.70 2.89
N PRO A 177 4.35 -27.84 2.58
CA PRO A 177 4.68 -28.57 1.32
C PRO A 177 4.49 -27.75 0.05
N VAL A 178 3.56 -26.78 0.09
CA VAL A 178 3.39 -25.89 -1.06
C VAL A 178 4.62 -24.98 -1.16
N LEU A 179 5.05 -24.44 -0.03
CA LEU A 179 6.18 -23.51 0.04
C LEU A 179 7.53 -24.19 -0.24
N THR A 180 7.73 -25.41 0.26
CA THR A 180 8.98 -26.12 -0.05
C THR A 180 9.10 -26.41 -1.56
N LYS A 181 7.98 -26.80 -2.20
CA LYS A 181 7.97 -27.05 -3.63
C LYS A 181 8.22 -25.75 -4.39
N ALA A 182 7.52 -24.69 -3.95
CA ALA A 182 7.58 -23.41 -4.65
C ALA A 182 8.91 -22.69 -4.48
N LEU A 183 9.52 -22.84 -3.31
CA LEU A 183 10.74 -22.10 -2.96
C LEU A 183 12.04 -22.90 -3.13
N ARG A 184 11.87 -24.21 -3.38
CA ARG A 184 13.00 -25.11 -3.68
C ARG A 184 14.00 -25.24 -2.52
N VAL A 185 13.48 -25.12 -1.30
CA VAL A 185 14.27 -25.32 -0.07
C VAL A 185 13.58 -26.33 0.83
N GLU A 186 14.31 -26.83 1.83
CA GLU A 186 13.76 -27.83 2.73
C GLU A 186 12.76 -27.23 3.75
N ALA A 187 11.98 -28.10 4.39
CA ALA A 187 10.97 -27.67 5.36
C ALA A 187 11.50 -26.75 6.46
N GLY A 188 12.71 -27.04 6.96
CA GLY A 188 13.30 -26.25 8.04
C GLY A 188 13.42 -24.79 7.70
N VAL A 189 13.79 -24.51 6.45
CA VAL A 189 13.95 -23.13 5.97
C VAL A 189 12.56 -22.47 5.91
N VAL A 190 11.58 -23.18 5.36
CA VAL A 190 10.22 -22.63 5.31
C VAL A 190 9.70 -22.38 6.73
N GLU A 191 9.92 -23.32 7.64
CA GLU A 191 9.49 -23.15 9.03
C GLU A 191 10.12 -21.96 9.72
N LEU A 192 11.39 -21.70 9.43
CA LEU A 192 12.08 -20.52 9.94
C LEU A 192 11.39 -19.23 9.44
N LEU A 193 11.14 -19.17 8.14
CA LEU A 193 10.44 -18.02 7.56
C LEU A 193 9.05 -17.79 8.18
N LYS A 194 8.26 -18.87 8.28
CA LYS A 194 6.95 -18.76 8.93
C LYS A 194 7.03 -18.23 10.35
N SER A 195 8.05 -18.66 11.10
CA SER A 195 8.18 -18.23 12.49
C SER A 195 8.35 -16.72 12.61
N LYS A 196 8.89 -16.07 11.56
CA LYS A 196 9.10 -14.62 11.56
C LYS A 196 7.82 -13.81 11.34
N PHE A 197 6.80 -14.47 10.76
CA PHE A 197 5.54 -13.82 10.40
C PHE A 197 4.32 -14.39 11.11
N ALA A 198 4.56 -15.20 12.14
CA ALA A 198 3.47 -15.84 12.90
C ALA A 198 2.59 -14.85 13.69
N GLY A 199 3.12 -13.63 13.92
CA GLY A 199 2.41 -12.57 14.65
C GLY A 199 1.41 -11.73 13.88
N GLY A 200 1.16 -12.05 12.62
CA GLY A 200 0.10 -11.39 11.83
C GLY A 200 0.49 -10.12 11.10
N SER A 201 1.69 -9.61 11.36
CA SER A 201 2.22 -8.44 10.64
C SER A 201 3.73 -8.57 10.38
MN MN B . 3.13 0.43 -3.20
#